data_9BS9
#
_entry.id   9BS9
#
_cell.length_a   1.00
_cell.length_b   1.00
_cell.length_c   1.00
_cell.angle_alpha   90.00
_cell.angle_beta   90.00
_cell.angle_gamma   90.00
#
_symmetry.space_group_name_H-M   'P 1'
#
loop_
_entity.id
_entity.type
_entity.pdbx_description
1 polymer 'Soluble cytochrome b562,D(2) dopamine receptor'
2 non-polymer (8alpha)-N,N-diethyl-6-methyl-9,10-didehydroergoline-8-carboxamide
#
_entity_poly.entity_id   1
_entity_poly.type   'polypeptide(L)'
_entity_poly.pdbx_seq_one_letter_code
;DYKDDDDAKLQTMHHHHHHHHHHHHHHHADLEDNWETLNDNLKVIEKADNAAQVKDALTKMRAAALDAQKATPPKLEDKS
PDSPEMKDFRHGFDILVGQIDDALKLANEGKVKEAQAAAEQLKTTRNAYIQKYLASENLYFQGGTMDPLNLSWYDDDLER
QNWSRPFNGSDGKADRPHYNYYATLLTLLIAVIVFGNVLVCMAVSREKALQTTTNYLIVSLAVADLLVATLVMPWVVYLE
VVGEWKFSRIHCDIFVTLDVMMCTASILNLCAISIDRYTAVAMPMLYNTRYSSKRRVTVMISIVWVLSFTISCPLLFGLN
NADQNECIIANPAFVVYSSIVSFYVPFIVTLLVYIKIYIVLRRRRKRVNTKRSSRAFRAHLRAPLKGNCTHPEDMKLCTV
IMKSNGSFPVNRRRVEAARRAQELEMEMLSSTSPPERTRYSPIPPSHHQLTLPDPSHHGLHSTPDSPAKPEKNGHAKDHP
KIAKIFEIQTMPNGKTRTSLKTMSRRKLSQQKEKKATQMLAIVLGVFIICWLPFFITHILNIHCDCNIPPVLYSAFTWLG
YVNSAVNPIIYTTFNIEFRKAFLKILHC
;
_entity_poly.pdbx_strand_id   R
#
loop_
_chem_comp.id
_chem_comp.type
_chem_comp.name
_chem_comp.formula
7LD non-polymer (8alpha)-N,N-diethyl-6-methyl-9,10-didehydroergoline-8-carboxamide 'C20 H25 N3 O'
#
# COMPACT_ATOMS: atom_id res chain seq x y z
N TYR A 179 0.44 -9.66 -27.45
CA TYR A 179 -0.73 -8.83 -27.17
C TYR A 179 -0.33 -7.40 -26.85
N ASN A 180 -0.61 -6.50 -27.78
CA ASN A 180 -0.39 -5.06 -27.56
C ASN A 180 -1.58 -4.37 -26.91
N TYR A 181 -2.70 -5.07 -26.71
CA TYR A 181 -3.87 -4.44 -26.10
C TYR A 181 -3.67 -4.15 -24.62
N TYR A 182 -2.80 -4.90 -23.94
CA TYR A 182 -2.55 -4.64 -22.53
C TYR A 182 -1.69 -3.40 -22.33
N ALA A 183 -0.87 -3.07 -23.34
CA ALA A 183 0.09 -1.97 -23.20
C ALA A 183 -0.60 -0.65 -22.89
N THR A 184 -1.67 -0.34 -23.63
CA THR A 184 -2.38 0.92 -23.42
C THR A 184 -2.97 1.00 -22.02
N LEU A 185 -3.82 0.04 -21.65
CA LEU A 185 -4.53 0.09 -20.37
C LEU A 185 -3.56 0.13 -19.19
N LEU A 186 -2.55 -0.73 -19.22
CA LEU A 186 -1.64 -0.80 -18.09
C LEU A 186 -0.72 0.42 -18.05
N THR A 187 -0.43 1.02 -19.21
CA THR A 187 0.35 2.26 -19.21
C THR A 187 -0.45 3.41 -18.62
N LEU A 188 -1.76 3.49 -18.93
CA LEU A 188 -2.56 4.53 -18.28
C LEU A 188 -2.66 4.30 -16.78
N LEU A 189 -2.72 3.04 -16.34
CA LEU A 189 -2.72 2.79 -14.91
C LEU A 189 -1.43 3.25 -14.25
N ILE A 190 -0.28 2.97 -14.89
CA ILE A 190 1.00 3.42 -14.36
C ILE A 190 1.07 4.94 -14.32
N ALA A 191 0.59 5.60 -15.39
CA ALA A 191 0.61 7.04 -15.44
C ALA A 191 -0.28 7.66 -14.36
N VAL A 192 -1.43 7.03 -14.11
CA VAL A 192 -2.34 7.52 -13.07
C VAL A 192 -1.65 7.43 -11.71
N ILE A 193 -1.01 6.29 -11.43
CA ILE A 193 -0.33 6.12 -10.13
C ILE A 193 0.77 7.15 -9.97
N VAL A 194 1.60 7.33 -11.00
CA VAL A 194 2.72 8.26 -10.93
C VAL A 194 2.21 9.68 -10.73
N PHE A 195 1.17 10.07 -11.48
CA PHE A 195 0.63 11.42 -11.38
C PHE A 195 0.11 11.70 -9.97
N GLY A 196 -0.71 10.79 -9.43
CA GLY A 196 -1.27 11.02 -8.11
C GLY A 196 -0.21 11.10 -7.02
N ASN A 197 0.74 10.15 -7.02
CA ASN A 197 1.73 10.14 -5.94
C ASN A 197 2.70 11.31 -6.07
N VAL A 198 3.05 11.70 -7.30
CA VAL A 198 3.92 12.85 -7.49
C VAL A 198 3.23 14.12 -7.01
N LEU A 199 1.92 14.25 -7.28
CA LEU A 199 1.22 15.42 -6.79
C LEU A 199 1.16 15.45 -5.27
N VAL A 200 0.98 14.28 -4.63
CA VAL A 200 0.97 14.25 -3.17
C VAL A 200 2.34 14.68 -2.61
N CYS A 201 3.42 14.17 -3.20
CA CYS A 201 4.76 14.54 -2.74
C CYS A 201 5.04 16.02 -2.94
N MET A 202 4.69 16.55 -4.12
CA MET A 202 4.93 17.97 -4.39
C MET A 202 4.09 18.85 -3.47
N ALA A 203 2.85 18.45 -3.19
CA ALA A 203 1.99 19.21 -2.31
C ALA A 203 2.56 19.26 -0.90
N VAL A 204 3.01 18.12 -0.38
CA VAL A 204 3.55 18.10 0.98
C VAL A 204 4.85 18.87 1.05
N SER A 205 5.69 18.79 0.01
CA SER A 205 6.95 19.51 0.04
C SER A 205 6.76 21.02 -0.04
N ARG A 206 5.83 21.47 -0.89
CA ARG A 206 5.72 22.90 -1.16
C ARG A 206 5.05 23.68 -0.03
N GLU A 207 3.99 23.16 0.57
CA GLU A 207 3.17 23.90 1.53
C GLU A 207 3.70 23.69 2.94
N LYS A 208 3.99 24.79 3.63
CA LYS A 208 4.57 24.70 4.98
C LYS A 208 3.54 24.23 5.99
N ALA A 209 2.27 24.58 5.78
CA ALA A 209 1.21 24.08 6.67
C ALA A 209 1.06 22.57 6.55
N LEU A 210 1.36 22.00 5.39
CA LEU A 210 1.20 20.57 5.16
C LEU A 210 2.34 19.75 5.73
N GLN A 211 3.47 20.36 6.09
CA GLN A 211 4.61 19.63 6.64
C GLN A 211 4.34 19.26 8.09
N THR A 212 3.67 18.12 8.25
CA THR A 212 3.43 17.50 9.55
C THR A 212 3.80 16.02 9.46
N THR A 213 3.77 15.35 10.61
CA THR A 213 4.30 13.99 10.67
C THR A 213 3.33 12.98 10.06
N THR A 214 2.03 13.16 10.25
CA THR A 214 1.06 12.30 9.59
C THR A 214 1.16 12.44 8.07
N ASN A 215 1.36 13.67 7.59
CA ASN A 215 1.55 13.87 6.16
C ASN A 215 2.87 13.26 5.70
N TYR A 216 3.85 13.13 6.60
CA TYR A 216 5.08 12.43 6.23
C TYR A 216 4.84 10.92 6.11
N LEU A 217 3.97 10.36 6.96
CA LEU A 217 3.56 8.98 6.74
C LEU A 217 2.84 8.82 5.41
N ILE A 218 2.01 9.80 5.05
CA ILE A 218 1.33 9.77 3.76
C ILE A 218 2.36 9.85 2.63
N VAL A 219 3.42 10.65 2.81
CA VAL A 219 4.46 10.74 1.80
C VAL A 219 5.19 9.41 1.69
N SER A 220 5.39 8.71 2.80
CA SER A 220 6.00 7.39 2.75
C SER A 220 5.14 6.41 1.94
N LEU A 221 3.82 6.44 2.17
CA LEU A 221 2.91 5.63 1.36
C LEU A 221 2.98 6.01 -0.11
N ALA A 222 3.04 7.31 -0.40
CA ALA A 222 3.12 7.77 -1.77
C ALA A 222 4.42 7.34 -2.44
N VAL A 223 5.52 7.34 -1.68
CA VAL A 223 6.80 6.88 -2.22
C VAL A 223 6.73 5.40 -2.53
N ALA A 224 6.09 4.61 -1.65
CA ALA A 224 5.94 3.18 -1.92
C ALA A 224 5.13 2.95 -3.20
N ASP A 225 4.01 3.68 -3.35
CA ASP A 225 3.19 3.54 -4.55
C ASP A 225 3.95 3.99 -5.79
N LEU A 226 4.70 5.08 -5.70
CA LEU A 226 5.46 5.57 -6.83
C LEU A 226 6.54 4.57 -7.24
N LEU A 227 7.18 3.93 -6.26
CA LEU A 227 8.19 2.93 -6.60
C LEU A 227 7.56 1.69 -7.22
N VAL A 228 6.36 1.31 -6.75
CA VAL A 228 5.61 0.24 -7.42
C VAL A 228 5.40 0.59 -8.88
N ALA A 229 4.92 1.81 -9.15
CA ALA A 229 4.59 2.19 -10.52
C ALA A 229 5.84 2.29 -11.39
N THR A 230 6.97 2.74 -10.82
CA THR A 230 8.14 3.04 -11.65
C THR A 230 9.01 1.81 -11.87
N LEU A 231 9.25 1.01 -10.83
CA LEU A 231 10.15 -0.14 -10.93
C LEU A 231 9.40 -1.42 -11.26
N VAL A 232 8.35 -1.74 -10.51
CA VAL A 232 7.76 -3.08 -10.55
C VAL A 232 6.89 -3.24 -11.80
N MET A 233 5.86 -2.41 -11.93
CA MET A 233 4.81 -2.54 -12.96
C MET A 233 5.30 -2.60 -14.40
N PRO A 234 6.32 -1.83 -14.83
CA PRO A 234 6.75 -1.93 -16.24
C PRO A 234 7.15 -3.33 -16.69
N TRP A 235 7.79 -4.11 -15.82
CA TRP A 235 8.10 -5.50 -16.17
C TRP A 235 6.86 -6.39 -16.10
N VAL A 236 5.88 -6.03 -15.28
CA VAL A 236 4.63 -6.76 -15.29
C VAL A 236 3.91 -6.56 -16.62
N VAL A 237 4.01 -5.35 -17.18
CA VAL A 237 3.47 -5.09 -18.51
C VAL A 237 4.21 -5.95 -19.54
N TYR A 238 5.53 -6.08 -19.38
CA TYR A 238 6.32 -6.89 -20.29
C TYR A 238 5.87 -8.35 -20.24
N LEU A 239 5.59 -8.86 -19.04
CA LEU A 239 5.12 -10.23 -18.91
C LEU A 239 3.78 -10.44 -19.61
N GLU A 240 2.86 -9.47 -19.47
CA GLU A 240 1.57 -9.58 -20.15
C GLU A 240 1.74 -9.54 -21.66
N VAL A 241 2.59 -8.65 -22.16
CA VAL A 241 2.71 -8.49 -23.60
C VAL A 241 3.43 -9.68 -24.21
N VAL A 242 4.69 -9.90 -23.83
CA VAL A 242 5.50 -10.94 -24.46
C VAL A 242 5.00 -12.33 -24.06
N GLY A 243 4.60 -12.49 -22.80
CA GLY A 243 4.19 -13.78 -22.28
C GLY A 243 5.31 -14.66 -21.78
N GLU A 244 6.57 -14.25 -21.94
CA GLU A 244 7.72 -15.03 -21.50
C GLU A 244 8.85 -14.08 -21.13
N TRP A 245 9.75 -14.56 -20.26
CA TRP A 245 10.84 -13.77 -19.74
C TRP A 245 12.08 -13.96 -20.62
N LYS A 246 12.48 -12.89 -21.31
CA LYS A 246 13.63 -12.89 -22.20
C LYS A 246 14.75 -12.00 -21.67
N PHE A 247 14.99 -12.03 -20.37
CA PHE A 247 16.07 -11.29 -19.73
C PHE A 247 16.72 -12.24 -18.72
N SER A 248 17.71 -11.74 -17.98
CA SER A 248 18.52 -12.60 -17.13
C SER A 248 17.71 -13.16 -15.96
N ARG A 249 18.23 -14.22 -15.35
CA ARG A 249 17.55 -14.85 -14.22
C ARG A 249 17.70 -14.01 -12.97
N ILE A 250 18.88 -13.39 -12.80
CA ILE A 250 19.08 -12.48 -11.68
C ILE A 250 18.16 -11.27 -11.83
N HIS A 251 17.95 -10.83 -13.08
CA HIS A 251 16.97 -9.78 -13.35
C HIS A 251 15.59 -10.18 -12.88
N CYS A 252 15.20 -11.44 -13.10
CA CYS A 252 13.92 -11.92 -12.62
C CYS A 252 13.87 -11.92 -11.09
N ASP A 253 14.99 -12.26 -10.45
CA ASP A 253 15.04 -12.23 -8.99
C ASP A 253 14.84 -10.82 -8.45
N ILE A 254 15.51 -9.84 -9.07
CA ILE A 254 15.32 -8.44 -8.67
C ILE A 254 13.87 -8.03 -8.89
N PHE A 255 13.27 -8.46 -10.00
CA PHE A 255 11.88 -8.09 -10.27
C PHE A 255 10.94 -8.61 -9.20
N VAL A 256 11.05 -9.89 -8.85
CA VAL A 256 10.10 -10.46 -7.89
C VAL A 256 10.33 -9.88 -6.50
N THR A 257 11.59 -9.68 -6.10
CA THR A 257 11.81 -9.16 -4.76
C THR A 257 11.39 -7.70 -4.66
N LEU A 258 11.54 -6.92 -5.75
CA LEU A 258 11.05 -5.56 -5.74
C LEU A 258 9.52 -5.53 -5.67
N ASP A 259 8.85 -6.42 -6.40
CA ASP A 259 7.39 -6.51 -6.32
C ASP A 259 6.94 -6.75 -4.88
N VAL A 260 7.51 -7.78 -4.24
CA VAL A 260 7.14 -8.11 -2.87
C VAL A 260 7.47 -6.96 -1.93
N MET A 261 8.64 -6.34 -2.10
CA MET A 261 9.09 -5.33 -1.14
C MET A 261 8.21 -4.10 -1.21
N MET A 262 7.96 -3.59 -2.42
CA MET A 262 7.21 -2.36 -2.53
C MET A 262 5.74 -2.56 -2.17
N CYS A 263 5.15 -3.70 -2.54
CA CYS A 263 3.77 -3.95 -2.12
C CYS A 263 3.65 -4.10 -0.61
N THR A 264 4.61 -4.80 0.01
CA THR A 264 4.62 -4.90 1.47
C THR A 264 4.81 -3.54 2.11
N ALA A 265 5.65 -2.69 1.52
CA ALA A 265 5.87 -1.35 2.06
C ALA A 265 4.60 -0.52 2.01
N SER A 266 3.84 -0.63 0.90
CA SER A 266 2.57 0.07 0.82
C SER A 266 1.59 -0.42 1.89
N ILE A 267 1.48 -1.73 2.06
CA ILE A 267 0.54 -2.28 3.05
C ILE A 267 0.95 -1.86 4.47
N LEU A 268 2.25 -1.91 4.76
CA LEU A 268 2.71 -1.55 6.10
C LEU A 268 2.59 -0.06 6.34
N ASN A 269 2.71 0.76 5.28
CA ASN A 269 2.43 2.19 5.42
C ASN A 269 0.96 2.43 5.76
N LEU A 270 0.06 1.66 5.16
CA LEU A 270 -1.36 1.77 5.53
C LEU A 270 -1.57 1.42 7.00
N CYS A 271 -0.92 0.36 7.47
CA CYS A 271 -1.02 0.00 8.88
C CYS A 271 -0.44 1.10 9.79
N ALA A 272 0.67 1.71 9.36
CA ALA A 272 1.28 2.78 10.15
C ALA A 272 0.37 3.99 10.22
N ILE A 273 -0.28 4.35 9.10
CA ILE A 273 -1.22 5.46 9.11
C ILE A 273 -2.39 5.17 10.04
N SER A 274 -2.84 3.91 10.05
CA SER A 274 -3.89 3.53 10.99
C SER A 274 -3.44 3.72 12.44
N ILE A 275 -2.22 3.29 12.77
CA ILE A 275 -1.73 3.42 14.13
C ILE A 275 -1.55 4.90 14.51
N ASP A 276 -1.12 5.72 13.56
CA ASP A 276 -0.98 7.16 13.82
C ASP A 276 -2.35 7.80 14.10
N ARG A 277 -3.36 7.45 13.30
CA ARG A 277 -4.69 7.98 13.55
C ARG A 277 -5.25 7.50 14.88
N TYR A 278 -4.89 6.28 15.29
CA TYR A 278 -5.27 5.83 16.62
C TYR A 278 -4.59 6.66 17.70
N THR A 279 -3.31 7.00 17.49
CA THR A 279 -2.60 7.82 18.47
C THR A 279 -3.25 9.20 18.58
N ALA A 280 -3.78 9.71 17.46
CA ALA A 280 -4.44 11.01 17.49
C ALA A 280 -5.67 10.99 18.41
N VAL A 281 -6.40 9.89 18.44
CA VAL A 281 -7.67 9.83 19.17
C VAL A 281 -7.45 9.37 20.60
N ALA A 282 -6.72 8.26 20.79
CA ALA A 282 -6.55 7.66 22.10
C ALA A 282 -5.39 8.25 22.89
N MET A 283 -4.48 8.98 22.25
CA MET A 283 -3.36 9.66 22.92
C MET A 283 -3.28 11.09 22.39
N PRO A 284 -4.29 11.92 22.69
CA PRO A 284 -4.30 13.27 22.13
C PRO A 284 -3.15 14.15 22.59
N MET A 285 -2.73 14.01 23.84
CA MET A 285 -1.66 14.86 24.37
C MET A 285 -0.31 14.48 23.80
N LEU A 286 -0.02 13.17 23.72
CA LEU A 286 1.24 12.72 23.15
C LEU A 286 1.31 13.04 21.65
N TYR A 287 0.17 12.95 20.96
CA TYR A 287 0.14 13.27 19.54
C TYR A 287 0.51 14.73 19.29
N ASN A 288 0.05 15.62 20.17
CA ASN A 288 0.28 17.05 19.96
C ASN A 288 1.75 17.41 20.17
N THR A 289 2.44 16.68 21.05
CA THR A 289 3.85 16.98 21.32
C THR A 289 4.70 16.72 20.08
N ARG A 290 5.49 17.71 19.68
CA ARG A 290 6.28 17.59 18.46
C ARG A 290 7.47 16.66 18.65
N TYR A 291 8.17 16.78 19.78
CA TYR A 291 9.39 16.01 20.00
C TYR A 291 9.11 14.51 20.05
N SER A 292 8.02 14.12 20.72
CA SER A 292 7.67 12.70 20.79
C SER A 292 7.10 12.20 19.46
N SER A 293 6.32 13.05 18.78
CA SER A 293 5.69 12.63 17.52
C SER A 293 6.73 12.41 16.43
N LYS A 294 7.76 13.25 16.40
CA LYS A 294 8.84 13.07 15.41
C LYS A 294 9.48 11.69 15.61
N ARG A 295 9.85 11.37 16.85
CA ARG A 295 10.49 10.08 17.14
C ARG A 295 9.57 8.92 16.79
N ARG A 296 8.28 9.04 17.13
CA ARG A 296 7.32 7.99 16.78
C ARG A 296 7.27 7.76 15.28
N VAL A 297 7.12 8.82 14.50
CA VAL A 297 6.91 8.65 13.06
C VAL A 297 8.19 8.22 12.37
N THR A 298 9.34 8.71 12.86
CA THR A 298 10.63 8.28 12.26
C THR A 298 10.85 6.80 12.54
N VAL A 299 10.48 6.33 13.74
CA VAL A 299 10.61 4.92 14.07
C VAL A 299 9.64 4.08 13.22
N MET A 300 8.41 4.56 13.04
CA MET A 300 7.43 3.80 12.27
C MET A 300 7.85 3.68 10.80
N ILE A 301 8.32 4.78 10.20
CA ILE A 301 8.76 4.75 8.81
C ILE A 301 9.94 3.80 8.65
N SER A 302 10.91 3.89 9.57
CA SER A 302 12.07 3.01 9.52
C SER A 302 11.65 1.55 9.64
N ILE A 303 10.74 1.25 10.57
CA ILE A 303 10.33 -0.13 10.80
C ILE A 303 9.60 -0.68 9.58
N VAL A 304 8.68 0.08 8.98
CA VAL A 304 7.93 -0.47 7.84
C VAL A 304 8.87 -0.73 6.66
N TRP A 305 9.78 0.20 6.38
CA TRP A 305 10.66 -0.02 5.22
C TRP A 305 11.65 -1.17 5.49
N VAL A 306 12.20 -1.25 6.70
CA VAL A 306 13.13 -2.33 7.00
C VAL A 306 12.41 -3.68 6.99
N LEU A 307 11.19 -3.74 7.52
CA LEU A 307 10.46 -4.99 7.56
C LEU A 307 10.06 -5.44 6.15
N SER A 308 9.69 -4.51 5.28
CA SER A 308 9.40 -4.88 3.91
C SER A 308 10.64 -5.44 3.21
N PHE A 309 11.80 -4.79 3.44
CA PHE A 309 13.04 -5.31 2.86
C PHE A 309 13.37 -6.69 3.39
N THR A 310 13.20 -6.91 4.69
CA THR A 310 13.56 -8.19 5.28
C THR A 310 12.59 -9.30 4.85
N ILE A 311 11.34 -8.95 4.63
CA ILE A 311 10.39 -9.93 4.10
C ILE A 311 10.78 -10.31 2.67
N SER A 312 11.16 -9.33 1.86
CA SER A 312 11.40 -9.61 0.45
C SER A 312 12.78 -10.22 0.20
N CYS A 313 13.72 -10.09 1.15
CA CYS A 313 15.10 -10.46 0.86
C CYS A 313 15.36 -11.93 0.51
N PRO A 314 14.62 -12.95 1.01
CA PRO A 314 15.00 -14.33 0.65
C PRO A 314 14.88 -14.64 -0.84
N LEU A 315 14.07 -13.88 -1.59
CA LEU A 315 13.97 -14.13 -3.02
C LEU A 315 15.27 -13.80 -3.74
N LEU A 316 16.05 -12.85 -3.20
CA LEU A 316 17.36 -12.54 -3.78
C LEU A 316 18.33 -13.70 -3.68
N PHE A 317 18.11 -14.62 -2.73
CA PHE A 317 19.02 -15.72 -2.47
C PHE A 317 18.76 -16.93 -3.36
N GLY A 318 18.00 -16.76 -4.44
CA GLY A 318 17.66 -17.90 -5.28
C GLY A 318 16.65 -18.84 -4.63
N LEU A 319 15.91 -18.35 -3.63
CA LEU A 319 14.89 -19.18 -3.01
C LEU A 319 13.74 -19.43 -3.99
N ASN A 320 13.50 -18.48 -4.89
CA ASN A 320 12.54 -18.68 -5.97
C ASN A 320 13.06 -19.74 -6.93
N ASN A 321 12.14 -20.54 -7.48
CA ASN A 321 12.43 -21.64 -8.39
C ASN A 321 11.89 -21.41 -9.80
N ALA A 322 12.04 -20.20 -10.33
CA ALA A 322 11.54 -19.89 -11.66
C ALA A 322 12.33 -20.65 -12.72
N ASP A 323 11.65 -20.97 -13.83
CA ASP A 323 12.30 -21.62 -14.95
C ASP A 323 12.98 -20.57 -15.84
N GLN A 324 13.71 -21.07 -16.85
CA GLN A 324 14.43 -20.16 -17.74
C GLN A 324 13.47 -19.30 -18.54
N ASN A 325 12.35 -19.87 -18.98
CA ASN A 325 11.44 -19.11 -19.85
C ASN A 325 10.60 -18.12 -19.05
N GLU A 326 10.15 -18.50 -17.86
CA GLU A 326 9.14 -17.77 -17.11
C GLU A 326 9.75 -17.18 -15.84
N CYS A 327 9.21 -16.04 -15.43
CA CYS A 327 9.60 -15.37 -14.19
C CYS A 327 8.41 -15.34 -13.23
N ILE A 328 8.35 -16.33 -12.35
CA ILE A 328 7.24 -16.47 -11.39
C ILE A 328 7.82 -16.96 -10.06
N ILE A 329 7.00 -16.93 -9.01
CA ILE A 329 7.36 -17.39 -7.67
C ILE A 329 6.74 -18.77 -7.49
N ALA A 330 7.58 -19.79 -7.37
CA ALA A 330 7.16 -21.19 -7.36
C ALA A 330 7.39 -21.87 -6.00
N ASN A 331 7.54 -21.09 -4.92
CA ASN A 331 7.77 -21.65 -3.59
C ASN A 331 6.49 -21.52 -2.77
N PRO A 332 5.73 -22.60 -2.54
CA PRO A 332 4.54 -22.45 -1.66
C PRO A 332 4.87 -22.03 -0.24
N ALA A 333 5.96 -22.55 0.33
CA ALA A 333 6.28 -22.24 1.72
C ALA A 333 6.59 -20.77 1.90
N PHE A 334 7.42 -20.20 1.02
CA PHE A 334 7.69 -18.77 1.08
C PHE A 334 6.42 -17.97 0.82
N VAL A 335 5.57 -18.46 -0.07
CA VAL A 335 4.33 -17.73 -0.38
C VAL A 335 3.48 -17.60 0.87
N VAL A 336 3.28 -18.71 1.61
CA VAL A 336 2.49 -18.66 2.83
C VAL A 336 3.17 -17.78 3.88
N TYR A 337 4.47 -18.01 4.11
CA TYR A 337 5.15 -17.33 5.21
C TYR A 337 5.23 -15.82 4.95
N SER A 338 5.49 -15.42 3.70
CA SER A 338 5.59 -14.01 3.39
C SER A 338 4.21 -13.37 3.31
N SER A 339 3.20 -14.11 2.81
CA SER A 339 1.85 -13.58 2.73
C SER A 339 1.32 -13.25 4.12
N ILE A 340 1.58 -14.13 5.10
CA ILE A 340 1.12 -13.92 6.47
C ILE A 340 1.66 -12.60 7.00
N VAL A 341 3.00 -12.48 7.09
CA VAL A 341 3.60 -11.31 7.71
C VAL A 341 3.36 -10.05 6.90
N SER A 342 3.25 -10.18 5.57
CA SER A 342 3.18 -8.98 4.73
C SER A 342 1.76 -8.43 4.66
N PHE A 343 0.74 -9.30 4.72
CA PHE A 343 -0.66 -8.88 4.57
C PHE A 343 -1.50 -9.17 5.79
N TYR A 344 -1.51 -10.41 6.29
CA TYR A 344 -2.58 -10.82 7.19
C TYR A 344 -2.51 -10.12 8.54
N VAL A 345 -1.36 -10.13 9.20
CA VAL A 345 -1.29 -9.49 10.51
C VAL A 345 -1.29 -7.97 10.38
N PRO A 346 -0.68 -7.31 9.37
CA PRO A 346 -1.00 -5.89 9.21
C PRO A 346 -2.45 -5.64 8.87
N PHE A 347 -3.09 -6.55 8.13
CA PHE A 347 -4.51 -6.38 7.81
C PHE A 347 -5.38 -6.47 9.07
N ILE A 348 -5.18 -7.50 9.89
CA ILE A 348 -5.95 -7.65 11.12
C ILE A 348 -5.68 -6.47 12.04
N VAL A 349 -4.42 -6.04 12.14
CA VAL A 349 -4.08 -4.93 13.03
C VAL A 349 -4.76 -3.65 12.56
N THR A 350 -4.72 -3.37 11.25
CA THR A 350 -5.36 -2.17 10.73
C THR A 350 -6.87 -2.21 10.94
N LEU A 351 -7.50 -3.37 10.73
CA LEU A 351 -8.93 -3.50 10.93
C LEU A 351 -9.32 -3.24 12.38
N LEU A 352 -8.64 -3.92 13.32
CA LEU A 352 -8.93 -3.74 14.73
C LEU A 352 -8.68 -2.31 15.17
N VAL A 353 -7.62 -1.68 14.65
CA VAL A 353 -7.31 -0.31 15.04
C VAL A 353 -8.39 0.64 14.55
N TYR A 354 -8.86 0.46 13.31
CA TYR A 354 -9.85 1.39 12.78
C TYR A 354 -11.21 1.22 13.45
N ILE A 355 -11.62 -0.01 13.75
CA ILE A 355 -12.89 -0.17 14.47
C ILE A 355 -12.76 0.33 15.90
N LYS A 356 -11.56 0.25 16.48
CA LYS A 356 -11.34 0.86 17.79
C LYS A 356 -11.51 2.37 17.72
N ILE A 357 -10.96 3.00 16.68
CA ILE A 357 -11.15 4.44 16.49
C ILE A 357 -12.62 4.77 16.32
N TYR A 358 -13.35 3.93 15.57
CA TYR A 358 -14.78 4.13 15.40
C TYR A 358 -15.51 4.08 16.73
N ILE A 359 -15.17 3.10 17.57
CA ILE A 359 -15.83 2.96 18.87
C ILE A 359 -15.52 4.16 19.76
N VAL A 360 -14.29 4.66 19.73
CA VAL A 360 -13.95 5.82 20.54
C VAL A 360 -14.68 7.06 20.05
N LEU A 361 -14.80 7.21 18.72
CA LEU A 361 -15.54 8.34 18.16
C LEU A 361 -17.00 8.29 18.59
N ARG A 362 -17.60 7.09 18.54
CA ARG A 362 -18.99 6.96 19.00
C ARG A 362 -19.11 7.24 20.49
N ARG A 363 -18.11 6.83 21.27
CA ARG A 363 -18.15 7.09 22.72
C ARG A 363 -18.13 8.58 23.01
N ARG A 364 -17.28 9.35 22.34
CA ARG A 364 -17.26 10.79 22.60
C ARG A 364 -18.50 11.47 22.02
N ARG A 365 -19.05 10.93 20.92
CA ARG A 365 -20.31 11.45 20.40
C ARG A 365 -21.46 11.24 21.39
N LYS A 366 -21.45 10.12 22.10
CA LYS A 366 -22.45 9.91 23.15
C LYS A 366 -22.16 10.77 24.37
N ARG A 367 -20.87 10.97 24.68
CA ARG A 367 -20.50 11.75 25.85
C ARG A 367 -20.92 13.20 25.72
N VAL A 368 -20.73 13.79 24.54
CA VAL A 368 -21.12 15.19 24.33
C VAL A 368 -22.63 15.36 24.51
N SER A 509 -22.30 21.26 10.84
CA SER A 509 -21.73 21.17 12.18
C SER A 509 -21.44 19.71 12.52
N GLN A 510 -22.50 18.94 12.78
CA GLN A 510 -22.38 17.51 13.06
C GLN A 510 -22.03 16.69 11.81
N GLN A 511 -22.06 17.31 10.62
CA GLN A 511 -21.74 16.56 9.39
C GLN A 511 -20.32 16.03 9.40
N LYS A 512 -19.41 16.67 10.14
CA LYS A 512 -18.04 16.19 10.24
C LYS A 512 -17.98 14.83 10.92
N GLU A 513 -18.88 14.57 11.88
CA GLU A 513 -18.88 13.28 12.56
C GLU A 513 -19.27 12.16 11.61
N LYS A 514 -20.21 12.41 10.71
CA LYS A 514 -20.54 11.43 9.68
C LYS A 514 -19.43 11.33 8.64
N LYS A 515 -18.74 12.45 8.40
CA LYS A 515 -17.62 12.44 7.46
C LYS A 515 -16.52 11.50 7.94
N ALA A 516 -16.20 11.55 9.24
CA ALA A 516 -15.16 10.68 9.78
C ALA A 516 -15.50 9.21 9.57
N THR A 517 -16.77 8.86 9.82
CA THR A 517 -17.23 7.50 9.58
C THR A 517 -17.07 7.13 8.11
N GLN A 518 -17.42 8.07 7.23
CA GLN A 518 -17.29 7.83 5.77
C GLN A 518 -15.83 7.49 5.46
N MET A 519 -14.90 8.35 5.88
CA MET A 519 -13.48 8.11 5.58
C MET A 519 -12.99 6.77 6.11
N LEU A 520 -13.36 6.40 7.35
CA LEU A 520 -12.93 5.10 7.85
C LEU A 520 -13.49 3.96 7.00
N ALA A 521 -14.78 4.05 6.64
CA ALA A 521 -15.39 3.03 5.79
C ALA A 521 -14.72 2.98 4.42
N ILE A 522 -14.39 4.15 3.84
CA ILE A 522 -13.79 4.18 2.50
C ILE A 522 -12.40 3.54 2.52
N VAL A 523 -11.55 3.94 3.48
CA VAL A 523 -10.18 3.41 3.48
C VAL A 523 -10.21 1.91 3.76
N LEU A 524 -11.04 1.46 4.71
CA LEU A 524 -11.16 0.03 4.95
C LEU A 524 -11.68 -0.71 3.72
N GLY A 525 -12.72 -0.18 3.07
CA GLY A 525 -13.29 -0.88 1.93
C GLY A 525 -12.34 -0.98 0.77
N VAL A 526 -11.61 0.09 0.47
CA VAL A 526 -10.61 0.05 -0.59
C VAL A 526 -9.54 -0.98 -0.27
N PHE A 527 -9.05 -1.00 0.98
CA PHE A 527 -8.00 -1.93 1.33
C PHE A 527 -8.49 -3.38 1.30
N ILE A 528 -9.73 -3.63 1.72
CA ILE A 528 -10.29 -4.98 1.64
C ILE A 528 -10.42 -5.41 0.19
N ILE A 529 -11.03 -4.58 -0.65
CA ILE A 529 -11.37 -5.02 -2.00
C ILE A 529 -10.11 -5.22 -2.84
N CYS A 530 -9.12 -4.32 -2.68
CA CYS A 530 -7.99 -4.37 -3.60
C CYS A 530 -7.05 -5.53 -3.32
N TRP A 531 -6.74 -5.80 -2.04
CA TRP A 531 -5.69 -6.76 -1.68
C TRP A 531 -6.20 -8.11 -1.16
N LEU A 532 -7.36 -8.16 -0.52
CA LEU A 532 -7.83 -9.43 0.03
C LEU A 532 -8.04 -10.54 -1.02
N PRO A 533 -8.67 -10.29 -2.18
CA PRO A 533 -8.86 -11.42 -3.13
C PRO A 533 -7.56 -12.05 -3.60
N PHE A 534 -6.52 -11.25 -3.83
CA PHE A 534 -5.24 -11.80 -4.27
C PHE A 534 -4.65 -12.75 -3.22
N PHE A 535 -4.56 -12.30 -1.98
CA PHE A 535 -3.91 -13.12 -0.96
C PHE A 535 -4.76 -14.33 -0.61
N ILE A 536 -6.09 -14.18 -0.56
CA ILE A 536 -6.93 -15.34 -0.24
C ILE A 536 -6.86 -16.35 -1.38
N THR A 537 -6.76 -15.87 -2.63
CA THR A 537 -6.57 -16.79 -3.75
C THR A 537 -5.25 -17.53 -3.63
N HIS A 538 -4.19 -16.84 -3.20
CA HIS A 538 -2.91 -17.52 -3.01
C HIS A 538 -3.00 -18.60 -1.94
N ILE A 539 -3.61 -18.30 -0.79
CA ILE A 539 -3.70 -19.32 0.25
C ILE A 539 -4.55 -20.50 -0.21
N LEU A 540 -5.66 -20.23 -0.91
CA LEU A 540 -6.48 -21.33 -1.40
C LEU A 540 -5.74 -22.17 -2.43
N ASN A 541 -4.95 -21.52 -3.30
CA ASN A 541 -4.20 -22.27 -4.30
C ASN A 541 -3.14 -23.15 -3.65
N ILE A 542 -2.42 -22.62 -2.66
CA ILE A 542 -1.29 -23.34 -2.09
C ILE A 542 -1.77 -24.39 -1.09
N HIS A 543 -2.93 -24.19 -0.48
CA HIS A 543 -3.67 -25.27 0.19
C HIS A 543 -5.14 -25.20 -0.19
N ASN A 547 -8.75 -26.15 -8.51
CA ASN A 547 -8.16 -25.23 -9.47
C ASN A 547 -9.08 -24.03 -9.70
N ILE A 548 -8.49 -22.91 -10.08
CA ILE A 548 -9.22 -21.67 -10.35
C ILE A 548 -8.63 -21.08 -11.63
N PRO A 549 -9.40 -20.45 -12.54
CA PRO A 549 -8.82 -20.03 -13.84
C PRO A 549 -7.73 -18.97 -13.68
N PRO A 550 -6.89 -18.77 -14.71
CA PRO A 550 -5.76 -17.83 -14.53
C PRO A 550 -6.10 -16.37 -14.80
N VAL A 551 -7.15 -16.09 -15.58
CA VAL A 551 -7.43 -14.71 -15.96
C VAL A 551 -7.88 -13.92 -14.74
N LEU A 552 -8.70 -14.53 -13.87
CA LEU A 552 -9.09 -13.85 -12.64
C LEU A 552 -7.91 -13.74 -11.67
N TYR A 553 -6.97 -14.69 -11.72
CA TYR A 553 -5.74 -14.56 -10.94
C TYR A 553 -4.96 -13.32 -11.36
N SER A 554 -4.81 -13.13 -12.68
CA SER A 554 -4.14 -11.93 -13.17
C SER A 554 -4.90 -10.67 -12.77
N ALA A 555 -6.23 -10.69 -12.91
CA ALA A 555 -7.04 -9.53 -12.53
C ALA A 555 -6.91 -9.22 -11.05
N PHE A 556 -6.82 -10.25 -10.21
CA PHE A 556 -6.66 -10.05 -8.78
C PHE A 556 -5.32 -9.41 -8.47
N THR A 557 -4.27 -9.80 -9.19
CA THR A 557 -2.98 -9.13 -9.04
C THR A 557 -3.06 -7.66 -9.46
N TRP A 558 -3.74 -7.40 -10.58
CA TRP A 558 -3.86 -6.02 -11.06
C TRP A 558 -4.71 -5.18 -10.12
N LEU A 559 -5.61 -5.82 -9.38
CA LEU A 559 -6.37 -5.10 -8.35
C LEU A 559 -5.45 -4.61 -7.24
N GLY A 560 -4.53 -5.47 -6.80
CA GLY A 560 -3.55 -5.04 -5.82
C GLY A 560 -2.68 -3.90 -6.33
N TYR A 561 -2.34 -3.92 -7.62
CA TYR A 561 -1.62 -2.78 -8.18
C TYR A 561 -2.50 -1.52 -8.21
N VAL A 562 -3.81 -1.68 -8.44
CA VAL A 562 -4.73 -0.55 -8.48
C VAL A 562 -4.87 0.09 -7.10
N ASN A 563 -4.60 -0.69 -6.04
CA ASN A 563 -4.52 -0.11 -4.69
C ASN A 563 -3.60 1.10 -4.64
N SER A 564 -2.44 1.01 -5.31
CA SER A 564 -1.50 2.13 -5.35
C SER A 564 -2.09 3.32 -6.09
N ALA A 565 -2.91 3.08 -7.12
CA ALA A 565 -3.55 4.18 -7.84
C ALA A 565 -4.54 4.90 -6.95
N VAL A 566 -5.34 4.15 -6.18
CA VAL A 566 -6.43 4.77 -5.43
C VAL A 566 -5.99 5.37 -4.10
N ASN A 567 -4.89 4.87 -3.50
CA ASN A 567 -4.45 5.39 -2.21
C ASN A 567 -4.22 6.90 -2.16
N PRO A 568 -3.49 7.53 -3.10
CA PRO A 568 -3.31 9.00 -2.99
C PRO A 568 -4.60 9.78 -3.15
N ILE A 569 -5.63 9.19 -3.77
CA ILE A 569 -6.92 9.86 -3.83
C ILE A 569 -7.61 9.82 -2.48
N ILE A 570 -7.77 8.62 -1.92
CA ILE A 570 -8.57 8.49 -0.70
C ILE A 570 -7.87 9.09 0.50
N TYR A 571 -6.53 9.16 0.50
CA TYR A 571 -5.80 9.64 1.67
C TYR A 571 -5.49 11.14 1.63
N THR A 572 -5.71 11.83 0.51
CA THR A 572 -5.45 13.26 0.40
C THR A 572 -6.59 14.09 -0.20
N THR A 573 -7.32 13.58 -1.19
CA THR A 573 -8.25 14.42 -1.94
C THR A 573 -9.46 14.85 -1.12
N PHE A 574 -9.74 14.19 0.00
CA PHE A 574 -10.83 14.63 0.86
C PHE A 574 -10.38 15.75 1.79
N ASN A 575 -9.12 15.73 2.21
CA ASN A 575 -8.62 16.75 3.13
C ASN A 575 -8.53 18.09 2.41
N ILE A 576 -8.91 19.17 3.11
CA ILE A 576 -9.11 20.46 2.44
C ILE A 576 -7.76 21.11 2.14
N GLU A 577 -6.82 21.02 3.08
CA GLU A 577 -5.50 21.64 2.86
C GLU A 577 -4.78 20.98 1.70
N PHE A 578 -4.99 19.68 1.50
CA PHE A 578 -4.43 19.02 0.32
C PHE A 578 -5.11 19.50 -0.95
N ARG A 579 -6.41 19.77 -0.90
CA ARG A 579 -7.10 20.29 -2.09
C ARG A 579 -6.54 21.65 -2.48
N LYS A 580 -6.26 22.51 -1.50
CA LYS A 580 -5.70 23.82 -1.81
C LYS A 580 -4.34 23.70 -2.50
N ALA A 581 -3.50 22.80 -2.01
CA ALA A 581 -2.19 22.59 -2.63
C ALA A 581 -2.34 22.02 -4.04
N PHE A 582 -3.26 21.08 -4.24
CA PHE A 582 -3.45 20.50 -5.57
C PHE A 582 -3.97 21.54 -6.55
N LEU A 583 -4.86 22.43 -6.09
CA LEU A 583 -5.30 23.52 -6.95
C LEU A 583 -4.16 24.48 -7.26
N LYS A 584 -3.30 24.75 -6.28
CA LYS A 584 -2.20 25.70 -6.48
C LYS A 584 -1.04 25.05 -7.23
N1 7LD B . 3.31 -9.38 -0.27
N3 7LD B . 3.95 -12.34 -9.24
C4 7LD B . 3.70 -11.87 -0.42
C5 7LD B . 3.80 -12.90 -1.38
C6 7LD B . 3.45 -11.35 -3.22
C7 7LD B . 3.13 -8.96 -2.45
C8 7LD B . 3.11 -8.39 -1.19
C10 7LD B . 3.80 -11.59 -5.64
C13 7LD B . 2.49 -10.13 -7.21
C15 7LD B . 2.95 -8.40 -3.81
C17 7LD B . 3.76 -13.51 -10.09
C20 7LD B . 6.12 -11.24 -9.52
N2 7LD B . 2.53 -9.02 -6.24
C12 7LD B . 1.47 -8.05 -6.51
C11 7LD B . 2.57 -9.53 -4.83
C3 7LD B . 3.35 -10.34 -2.27
C1 7LD B . 3.47 -10.59 -0.91
C2 7LD B . 3.69 -12.66 -2.74
C9 7LD B . 3.30 -10.88 -4.61
C14 7LD B . 3.66 -11.11 -7.05
C16 7LD B . 3.46 -12.32 -7.92
O1 7LD B . 2.87 -13.28 -7.42
C19 7LD B . 4.66 -11.23 -9.89
C18 7LD B . 2.44 -13.48 -10.81
#